data_7HSX
#
_entry.id   7HSX
#
_cell.length_a   98.843
_cell.length_b   98.906
_cell.length_c   128.557
_cell.angle_alpha   90.00
_cell.angle_beta   90.00
_cell.angle_gamma   90.00
#
_symmetry.space_group_name_H-M   'I 2 2 2'
#
loop_
_entity.id
_entity.type
_entity.pdbx_description
1 polymer 'Oleoyl-acyl carrier protein thioesterase 1, chloroplastic'
2 non-polymer 2,4-dimethyl-6-(piperazin-1-yl)pyrimidine
3 non-polymer 'SULFATE ION'
4 water water
#
_entity_poly.entity_id   1
_entity_poly.type   'polypeptide(L)'
_entity_poly.pdbx_seq_one_letter_code
;MGSLTEDGLSYKEKFVVRSYEVGSNKTATVETIANLLQEVGCNHAQSVGFSTDGFATTTTMRKLHLIWVTARMHIEIYKY
PAWGDVVEIETWCQSEGRIGTRRDWILKDSVTGEVTGRATSKWVMMNQDTRRLQKVSDDVRDEYLVFCPQEPRLAFPEEN
NRSLKKIPKLEDPAQYSMIGLKPRRADLDMNQHVNNVTYIGWVLESIPQEIVDTHELQVITLDYRRECQQDDVVDSLTTT
TSEIGGTNGSATSGTQGHNDSQFLHLLRLSGDGQEINRGTTLWRKKPSSHHHHHH
;
_entity_poly.pdbx_strand_id   A,B
#
loop_
_chem_comp.id
_chem_comp.type
_chem_comp.name
_chem_comp.formula
SO4 non-polymer 'SULFATE ION' 'O4 S -2'
WKS non-polymer 2,4-dimethyl-6-(piperazin-1-yl)pyrimidine 'C10 H16 N4'
#
# COMPACT_ATOMS: atom_id res chain seq x y z
N GLY A 2 -19.41 4.22 -2.22
CA GLY A 2 -19.94 2.86 -2.26
C GLY A 2 -21.28 2.74 -1.59
N SER A 3 -22.05 1.68 -1.95
CA SER A 3 -23.37 1.49 -1.37
C SER A 3 -23.92 0.08 -1.54
N LEU A 4 -24.84 -0.31 -0.65
CA LEU A 4 -25.58 -1.57 -0.82
C LEU A 4 -26.45 -1.43 -2.10
N THR A 5 -26.66 -2.51 -2.82
CA THR A 5 -27.53 -2.51 -3.98
C THR A 5 -29.01 -2.41 -3.54
N GLU A 6 -29.94 -2.18 -4.50
CA GLU A 6 -31.36 -2.04 -4.22
C GLU A 6 -31.96 -3.05 -3.21
N ASP A 7 -31.66 -4.37 -3.38
CA ASP A 7 -32.18 -5.44 -2.53
C ASP A 7 -31.49 -5.53 -1.16
N GLY A 8 -30.33 -4.89 -0.99
CA GLY A 8 -29.58 -4.89 0.26
C GLY A 8 -28.79 -6.16 0.50
N LEU A 9 -28.66 -7.03 -0.54
CA LEU A 9 -27.96 -8.32 -0.45
C LEU A 9 -26.55 -8.33 -1.10
N SER A 10 -26.09 -7.17 -1.61
CA SER A 10 -24.73 -7.04 -2.14
C SER A 10 -24.28 -5.57 -2.03
N TYR A 11 -23.01 -5.28 -2.30
CA TYR A 11 -22.44 -3.95 -2.11
C TYR A 11 -21.56 -3.61 -3.30
N LYS A 12 -21.63 -2.37 -3.79
CA LYS A 12 -20.81 -1.93 -4.91
C LYS A 12 -19.97 -0.70 -4.54
N GLU A 13 -18.78 -0.59 -5.11
CA GLU A 13 -17.92 0.57 -4.89
C GLU A 13 -17.01 0.78 -6.11
N LYS A 14 -16.75 2.04 -6.44
CA LYS A 14 -15.90 2.42 -7.56
C LYS A 14 -14.55 2.93 -7.01
N PHE A 15 -13.47 2.60 -7.68
CA PHE A 15 -12.11 2.99 -7.28
C PHE A 15 -11.35 3.57 -8.47
N VAL A 16 -10.62 4.66 -8.27
CA VAL A 16 -9.79 5.23 -9.33
C VAL A 16 -8.38 4.70 -9.09
N VAL A 17 -7.82 3.94 -10.02
CA VAL A 17 -6.47 3.35 -9.85
C VAL A 17 -5.36 4.43 -9.69
N ARG A 18 -4.62 4.38 -8.56
CA ARG A 18 -3.57 5.37 -8.26
C ARG A 18 -2.23 5.11 -8.92
N SER A 19 -1.41 6.17 -9.02
CA SER A 19 -0.06 6.13 -9.58
C SER A 19 0.82 5.05 -8.94
N TYR A 20 0.86 4.97 -7.60
CA TYR A 20 1.71 4.00 -6.87
C TYR A 20 1.12 2.56 -6.82
N GLU A 21 -0.11 2.39 -7.32
CA GLU A 21 -0.80 1.11 -7.33
C GLU A 21 -0.50 0.24 -8.57
N VAL A 22 0.17 0.81 -9.58
CA VAL A 22 0.44 0.12 -10.83
C VAL A 22 1.87 -0.37 -11.00
N GLY A 23 2.03 -1.43 -11.81
CA GLY A 23 3.34 -1.99 -12.15
C GLY A 23 3.96 -1.42 -13.42
N SER A 24 4.94 -2.15 -13.99
N SER A 24 4.94 -2.14 -13.99
N SER A 24 4.94 -2.15 -13.99
CA SER A 24 5.67 -1.75 -15.20
CA SER A 24 5.69 -1.70 -15.19
CA SER A 24 5.67 -1.75 -15.20
C SER A 24 4.81 -1.46 -16.43
C SER A 24 4.83 -1.47 -16.44
C SER A 24 4.81 -1.46 -16.43
N ASN A 25 3.69 -2.18 -16.58
CA ASN A 25 2.79 -1.98 -17.72
C ASN A 25 1.69 -0.92 -17.44
N LYS A 26 1.84 -0.14 -16.36
CA LYS A 26 0.91 0.92 -15.98
C LYS A 26 -0.52 0.44 -15.72
N THR A 27 -0.68 -0.81 -15.27
CA THR A 27 -1.94 -1.40 -14.86
C THR A 27 -1.80 -1.86 -13.37
N ALA A 28 -2.92 -1.98 -12.67
CA ALA A 28 -2.89 -2.36 -11.26
C ALA A 28 -2.23 -3.72 -11.02
N THR A 29 -1.44 -3.81 -9.96
CA THR A 29 -0.83 -5.08 -9.57
C THR A 29 -1.90 -6.00 -8.98
N VAL A 30 -1.63 -7.32 -8.90
CA VAL A 30 -2.61 -8.21 -8.26
C VAL A 30 -2.75 -7.87 -6.74
N GLU A 31 -1.70 -7.30 -6.13
CA GLU A 31 -1.75 -6.88 -4.73
C GLU A 31 -2.68 -5.67 -4.59
N THR A 32 -2.64 -4.73 -5.54
CA THR A 32 -3.58 -3.60 -5.54
C THR A 32 -5.04 -4.15 -5.64
N ILE A 33 -5.29 -5.07 -6.57
CA ILE A 33 -6.60 -5.70 -6.72
C ILE A 33 -7.05 -6.36 -5.37
N ALA A 34 -6.19 -7.20 -4.75
CA ALA A 34 -6.51 -7.84 -3.47
C ALA A 34 -6.80 -6.79 -2.36
N ASN A 35 -6.06 -5.67 -2.33
CA ASN A 35 -6.31 -4.56 -1.35
C ASN A 35 -7.73 -3.98 -1.58
N LEU A 36 -8.08 -3.74 -2.85
CA LEU A 36 -9.41 -3.21 -3.22
C LEU A 36 -10.55 -4.20 -2.82
N LEU A 37 -10.34 -5.51 -3.00
CA LEU A 37 -11.31 -6.52 -2.58
C LEU A 37 -11.49 -6.44 -1.06
N GLN A 38 -10.38 -6.33 -0.28
CA GLN A 38 -10.49 -6.21 1.17
C GLN A 38 -11.23 -4.93 1.58
N GLU A 39 -10.93 -3.81 0.90
CA GLU A 39 -11.56 -2.54 1.22
C GLU A 39 -13.09 -2.56 0.98
N VAL A 40 -13.53 -3.05 -0.18
CA VAL A 40 -14.98 -3.14 -0.47
C VAL A 40 -15.67 -4.18 0.47
N GLY A 41 -14.93 -5.22 0.87
CA GLY A 41 -15.40 -6.21 1.84
C GLY A 41 -15.67 -5.53 3.18
N CYS A 42 -14.72 -4.69 3.65
N CYS A 42 -14.73 -4.69 3.62
N CYS A 42 -14.72 -4.69 3.65
CA CYS A 42 -14.86 -3.96 4.91
CA CYS A 42 -14.85 -3.96 4.86
CA CYS A 42 -14.86 -3.96 4.91
C CYS A 42 -16.03 -2.96 4.84
C CYS A 42 -16.01 -2.96 4.84
C CYS A 42 -16.03 -2.96 4.84
N ASN A 43 -16.20 -2.26 3.70
CA ASN A 43 -17.29 -1.28 3.57
C ASN A 43 -18.67 -1.97 3.57
N HIS A 44 -18.74 -3.17 2.99
CA HIS A 44 -19.95 -3.98 3.00
C HIS A 44 -20.29 -4.39 4.45
N ALA A 45 -19.30 -4.98 5.18
CA ALA A 45 -19.47 -5.38 6.58
C ALA A 45 -19.99 -4.22 7.46
N GLN A 46 -19.41 -3.02 7.32
CA GLN A 46 -19.82 -1.83 8.06
C GLN A 46 -21.26 -1.44 7.73
N SER A 47 -21.64 -1.54 6.47
N SER A 47 -21.64 -1.54 6.46
N SER A 47 -21.64 -1.54 6.47
CA SER A 47 -22.97 -1.19 6.01
CA SER A 47 -22.98 -1.18 6.01
CA SER A 47 -22.97 -1.19 6.01
C SER A 47 -24.05 -2.14 6.53
C SER A 47 -24.06 -2.13 6.54
C SER A 47 -24.05 -2.14 6.53
N VAL A 48 -23.69 -3.40 6.79
CA VAL A 48 -24.68 -4.37 7.31
C VAL A 48 -24.59 -4.61 8.86
N GLY A 49 -23.97 -3.67 9.58
CA GLY A 49 -23.92 -3.73 11.04
C GLY A 49 -22.85 -4.56 11.72
N PHE A 50 -21.72 -4.83 11.05
CA PHE A 50 -20.63 -5.55 11.70
C PHE A 50 -19.80 -4.61 12.60
N SER A 51 -18.98 -5.17 13.51
CA SER A 51 -18.11 -4.38 14.39
C SER A 51 -17.18 -3.45 13.59
N THR A 52 -16.78 -2.31 14.20
CA THR A 52 -15.89 -1.33 13.56
C THR A 52 -14.49 -1.31 14.20
N ASP A 53 -14.03 -2.48 14.71
CA ASP A 53 -12.73 -2.61 15.37
C ASP A 53 -11.63 -3.24 14.52
N GLY A 54 -11.95 -3.62 13.28
CA GLY A 54 -10.98 -4.30 12.42
C GLY A 54 -11.17 -5.81 12.36
N PHE A 55 -11.99 -6.37 13.28
CA PHE A 55 -12.25 -7.80 13.29
C PHE A 55 -13.50 -8.20 12.50
N ALA A 56 -14.40 -7.23 12.22
CA ALA A 56 -15.66 -7.47 11.48
C ALA A 56 -16.43 -8.66 12.08
N THR A 57 -16.84 -8.54 13.33
CA THR A 57 -17.55 -9.62 14.01
C THR A 57 -19.04 -9.36 14.14
N THR A 58 -19.83 -10.42 14.37
CA THR A 58 -21.25 -10.27 14.63
C THR A 58 -21.45 -10.16 16.19
N THR A 59 -22.67 -9.90 16.64
CA THR A 59 -23.00 -9.80 18.05
C THR A 59 -22.70 -11.12 18.76
N THR A 60 -23.15 -12.24 18.18
CA THR A 60 -22.92 -13.58 18.73
C THR A 60 -21.40 -13.88 18.82
N MET A 61 -20.62 -13.54 17.77
N MET A 61 -20.62 -13.54 17.77
N MET A 61 -20.62 -13.54 17.77
CA MET A 61 -19.18 -13.79 17.77
CA MET A 61 -19.18 -13.77 17.76
CA MET A 61 -19.18 -13.79 17.77
C MET A 61 -18.46 -13.01 18.87
C MET A 61 -18.47 -13.02 18.88
C MET A 61 -18.46 -13.01 18.87
N ARG A 62 -18.88 -11.77 19.16
CA ARG A 62 -18.25 -10.98 20.21
C ARG A 62 -18.51 -11.59 21.59
N LYS A 63 -19.73 -12.08 21.81
CA LYS A 63 -20.13 -12.73 23.05
C LYS A 63 -19.35 -14.04 23.26
N LEU A 64 -19.10 -14.78 22.18
CA LEU A 64 -18.40 -16.06 22.22
C LEU A 64 -16.88 -15.96 22.01
N HIS A 65 -16.30 -14.74 21.91
CA HIS A 65 -14.87 -14.52 21.66
C HIS A 65 -14.36 -15.19 20.35
N LEU A 66 -15.16 -15.08 19.28
CA LEU A 66 -14.86 -15.66 17.97
C LEU A 66 -14.54 -14.62 16.91
N ILE A 67 -13.68 -15.01 15.96
CA ILE A 67 -13.31 -14.20 14.79
C ILE A 67 -13.25 -15.11 13.53
N TRP A 68 -13.34 -14.50 12.35
CA TRP A 68 -13.17 -15.23 11.08
C TRP A 68 -11.72 -15.17 10.68
N VAL A 69 -11.17 -16.26 10.15
CA VAL A 69 -9.84 -16.26 9.58
C VAL A 69 -9.91 -16.77 8.14
N THR A 70 -9.03 -16.26 7.26
CA THR A 70 -9.02 -16.69 5.87
C THR A 70 -8.45 -18.12 5.73
N ALA A 71 -9.12 -18.95 4.95
CA ALA A 71 -8.68 -20.29 4.65
C ALA A 71 -8.12 -20.31 3.20
N ARG A 72 -8.77 -19.58 2.28
CA ARG A 72 -8.32 -19.52 0.90
C ARG A 72 -8.80 -18.24 0.22
N MET A 73 -7.95 -17.73 -0.70
CA MET A 73 -8.24 -16.61 -1.58
C MET A 73 -7.99 -17.13 -3.03
N HIS A 74 -8.91 -16.88 -3.94
CA HIS A 74 -8.77 -17.27 -5.35
C HIS A 74 -9.17 -16.07 -6.21
N ILE A 75 -8.27 -15.58 -7.08
CA ILE A 75 -8.51 -14.42 -7.94
C ILE A 75 -8.17 -14.77 -9.40
N GLU A 76 -9.06 -14.40 -10.33
CA GLU A 76 -8.87 -14.57 -11.78
C GLU A 76 -9.05 -13.18 -12.44
N ILE A 77 -8.00 -12.67 -13.11
CA ILE A 77 -8.08 -11.38 -13.77
C ILE A 77 -8.02 -11.58 -15.28
N TYR A 78 -8.94 -10.95 -16.02
CA TYR A 78 -9.01 -10.97 -17.48
C TYR A 78 -8.26 -9.72 -18.00
N LYS A 79 -8.48 -8.56 -17.34
CA LYS A 79 -7.81 -7.31 -17.68
C LYS A 79 -7.53 -6.52 -16.39
N TYR A 80 -6.28 -6.11 -16.18
CA TYR A 80 -5.95 -5.28 -15.03
C TYR A 80 -6.24 -3.80 -15.41
N PRO A 81 -6.98 -3.04 -14.56
CA PRO A 81 -7.28 -1.65 -14.92
C PRO A 81 -6.04 -0.76 -14.98
N ALA A 82 -6.00 0.13 -15.98
CA ALA A 82 -4.87 1.05 -16.15
C ALA A 82 -4.89 2.16 -15.07
N TRP A 83 -3.75 2.83 -14.85
CA TRP A 83 -3.55 3.99 -13.98
C TRP A 83 -4.59 5.08 -14.39
N GLY A 84 -5.40 5.55 -13.45
CA GLY A 84 -6.43 6.54 -13.76
C GLY A 84 -7.81 5.98 -14.16
N ASP A 85 -7.86 4.68 -14.49
CA ASP A 85 -9.14 4.02 -14.83
C ASP A 85 -10.03 3.85 -13.56
N VAL A 86 -11.33 3.73 -13.77
CA VAL A 86 -12.28 3.51 -12.67
C VAL A 86 -12.71 2.05 -12.76
N VAL A 87 -12.56 1.31 -11.66
CA VAL A 87 -13.01 -0.08 -11.62
C VAL A 87 -14.18 -0.20 -10.63
N GLU A 88 -15.29 -0.88 -11.01
CA GLU A 88 -16.40 -1.07 -10.06
C GLU A 88 -16.35 -2.50 -9.53
N ILE A 89 -16.42 -2.67 -8.22
CA ILE A 89 -16.38 -4.00 -7.62
C ILE A 89 -17.65 -4.26 -6.84
N GLU A 90 -18.32 -5.41 -7.10
CA GLU A 90 -19.53 -5.83 -6.42
C GLU A 90 -19.16 -7.03 -5.50
N THR A 91 -19.62 -7.02 -4.25
CA THR A 91 -19.29 -8.08 -3.29
C THR A 91 -20.54 -8.52 -2.53
N TRP A 92 -20.51 -9.78 -2.13
CA TRP A 92 -21.60 -10.36 -1.34
C TRP A 92 -21.01 -11.56 -0.60
N CYS A 93 -21.74 -12.09 0.38
N CYS A 93 -21.75 -12.05 0.40
N CYS A 93 -21.74 -12.09 0.38
CA CYS A 93 -21.27 -13.27 1.07
CA CYS A 93 -21.35 -13.19 1.21
CA CYS A 93 -21.27 -13.27 1.07
C CYS A 93 -22.35 -14.32 1.23
C CYS A 93 -22.35 -14.33 1.14
C CYS A 93 -22.35 -14.32 1.23
N GLN A 94 -21.94 -15.55 1.52
CA GLN A 94 -22.87 -16.68 1.64
C GLN A 94 -22.43 -17.55 2.80
N SER A 95 -23.40 -18.12 3.50
CA SER A 95 -23.18 -19.06 4.58
C SER A 95 -22.98 -20.44 3.91
N GLU A 96 -21.97 -21.24 4.34
CA GLU A 96 -21.78 -22.57 3.77
C GLU A 96 -21.98 -23.63 4.88
N GLY A 97 -23.21 -23.69 5.39
CA GLY A 97 -23.59 -24.56 6.51
C GLY A 97 -22.75 -24.29 7.74
N ARG A 98 -22.24 -25.35 8.36
CA ARG A 98 -21.35 -25.24 9.52
C ARG A 98 -19.86 -25.19 9.12
N ILE A 99 -19.52 -25.38 7.83
CA ILE A 99 -18.13 -25.35 7.38
C ILE A 99 -17.47 -23.97 7.63
N GLY A 100 -18.14 -22.92 7.17
CA GLY A 100 -17.65 -21.55 7.23
C GLY A 100 -18.49 -20.63 6.36
N THR A 101 -17.91 -19.51 5.93
CA THR A 101 -18.60 -18.57 5.07
C THR A 101 -17.72 -18.26 3.83
N ARG A 102 -18.32 -17.66 2.82
CA ARG A 102 -17.61 -17.29 1.60
C ARG A 102 -17.90 -15.81 1.30
N ARG A 103 -16.92 -15.07 0.73
CA ARG A 103 -17.14 -13.72 0.23
C ARG A 103 -16.69 -13.82 -1.21
N ASP A 104 -17.58 -13.38 -2.13
CA ASP A 104 -17.34 -13.35 -3.57
C ASP A 104 -17.27 -11.93 -4.12
N TRP A 105 -16.56 -11.74 -5.21
CA TRP A 105 -16.40 -10.42 -5.82
C TRP A 105 -16.45 -10.53 -7.34
N ILE A 106 -17.02 -9.48 -8.00
CA ILE A 106 -17.00 -9.31 -9.44
C ILE A 106 -16.40 -7.94 -9.71
N LEU A 107 -15.41 -7.87 -10.62
CA LEU A 107 -14.80 -6.59 -10.99
C LEU A 107 -15.25 -6.22 -12.39
N LYS A 108 -15.62 -4.97 -12.61
CA LYS A 108 -16.04 -4.49 -13.93
C LYS A 108 -15.36 -3.18 -14.34
N ASP A 109 -15.22 -2.97 -15.64
CA ASP A 109 -14.70 -1.69 -16.15
C ASP A 109 -15.89 -0.76 -16.06
N SER A 110 -15.75 0.34 -15.33
CA SER A 110 -16.86 1.27 -15.14
C SER A 110 -17.37 1.86 -16.48
N VAL A 111 -16.47 2.16 -17.42
CA VAL A 111 -16.85 2.74 -18.71
C VAL A 111 -17.54 1.72 -19.63
N THR A 112 -16.94 0.53 -19.79
CA THR A 112 -17.49 -0.46 -20.72
C THR A 112 -18.57 -1.36 -20.11
N GLY A 113 -18.52 -1.58 -18.81
CA GLY A 113 -19.45 -2.47 -18.10
C GLY A 113 -19.09 -3.95 -18.19
N GLU A 114 -17.96 -4.26 -18.84
CA GLU A 114 -17.48 -5.62 -19.01
C GLU A 114 -16.85 -6.16 -17.72
N VAL A 115 -17.00 -7.47 -17.49
CA VAL A 115 -16.38 -8.11 -16.34
C VAL A 115 -14.90 -8.27 -16.67
N THR A 116 -14.05 -7.73 -15.80
CA THR A 116 -12.60 -7.78 -15.98
C THR A 116 -11.92 -8.76 -15.00
N GLY A 117 -12.64 -9.24 -13.99
CA GLY A 117 -12.08 -10.17 -13.02
C GLY A 117 -13.12 -10.67 -12.04
N ARG A 118 -12.76 -11.72 -11.32
CA ARG A 118 -13.63 -12.29 -10.30
C ARG A 118 -12.80 -12.94 -9.22
N ALA A 119 -13.35 -12.98 -8.01
CA ALA A 119 -12.65 -13.55 -6.88
C ALA A 119 -13.59 -14.17 -5.87
N THR A 120 -13.06 -15.12 -5.11
CA THR A 120 -13.80 -15.82 -4.09
C THR A 120 -12.84 -16.08 -2.92
N SER A 121 -13.36 -16.07 -1.70
CA SER A 121 -12.59 -16.33 -0.50
C SER A 121 -13.39 -17.24 0.46
N LYS A 122 -12.69 -18.15 1.16
CA LYS A 122 -13.31 -19.03 2.15
C LYS A 122 -12.76 -18.65 3.54
N TRP A 123 -13.66 -18.54 4.53
CA TRP A 123 -13.36 -18.11 5.89
C TRP A 123 -13.84 -19.19 6.87
N VAL A 124 -13.02 -19.48 7.90
CA VAL A 124 -13.36 -20.47 8.92
C VAL A 124 -13.44 -19.79 10.31
N MET A 125 -14.32 -20.29 11.20
CA MET A 125 -14.47 -19.69 12.53
C MET A 125 -13.29 -20.09 13.43
N MET A 126 -12.82 -19.18 14.29
CA MET A 126 -11.73 -19.45 15.20
C MET A 126 -11.98 -18.73 16.51
N ASN A 127 -11.61 -19.38 17.62
CA ASN A 127 -11.68 -18.75 18.93
C ASN A 127 -10.50 -17.79 18.98
N GLN A 128 -10.75 -16.54 19.32
CA GLN A 128 -9.72 -15.51 19.32
C GLN A 128 -8.62 -15.75 20.35
N ASP A 129 -8.98 -16.30 21.51
CA ASP A 129 -8.08 -16.56 22.64
C ASP A 129 -7.20 -17.81 22.44
N THR A 130 -7.80 -19.01 22.24
CA THR A 130 -7.08 -20.26 22.06
C THR A 130 -6.53 -20.45 20.64
N ARG A 131 -7.06 -19.71 19.66
CA ARG A 131 -6.67 -19.84 18.26
C ARG A 131 -7.10 -21.23 17.68
N ARG A 132 -8.14 -21.85 18.26
CA ARG A 132 -8.69 -23.12 17.79
C ARG A 132 -9.84 -22.93 16.81
N LEU A 133 -9.77 -23.62 15.65
CA LEU A 133 -10.82 -23.58 14.63
C LEU A 133 -12.05 -24.28 15.12
N GLN A 134 -13.21 -23.84 14.62
CA GLN A 134 -14.47 -24.45 15.00
C GLN A 134 -15.51 -24.33 13.91
N LYS A 135 -16.65 -24.99 14.12
CA LYS A 135 -17.77 -24.95 13.20
C LYS A 135 -18.60 -23.68 13.45
N VAL A 136 -19.40 -23.28 12.45
CA VAL A 136 -20.28 -22.12 12.57
C VAL A 136 -21.55 -22.54 13.35
N SER A 137 -21.87 -21.84 14.43
CA SER A 137 -23.04 -22.16 15.26
C SER A 137 -24.38 -21.76 14.61
N ASP A 138 -25.52 -22.34 15.08
CA ASP A 138 -26.86 -21.98 14.56
C ASP A 138 -27.12 -20.48 14.60
N ASP A 139 -26.71 -19.79 15.69
CA ASP A 139 -26.97 -18.36 15.84
C ASP A 139 -26.20 -17.51 14.83
N VAL A 140 -24.95 -17.92 14.49
CA VAL A 140 -24.18 -17.19 13.48
C VAL A 140 -24.79 -17.42 12.08
N ARG A 141 -25.27 -18.64 11.79
CA ARG A 141 -25.91 -18.91 10.49
C ARG A 141 -27.15 -18.05 10.30
N ASP A 142 -27.89 -17.78 11.40
CA ASP A 142 -29.09 -16.95 11.37
C ASP A 142 -28.73 -15.49 11.11
N GLU A 143 -27.59 -15.02 11.65
CA GLU A 143 -27.14 -13.65 11.40
C GLU A 143 -26.78 -13.46 9.92
N TYR A 144 -26.23 -14.48 9.26
CA TYR A 144 -25.86 -14.35 7.85
C TYR A 144 -27.09 -14.36 6.92
N LEU A 145 -28.17 -15.07 7.29
CA LEU A 145 -29.39 -15.05 6.49
C LEU A 145 -29.96 -13.62 6.31
N VAL A 146 -29.70 -12.73 7.28
CA VAL A 146 -30.30 -11.39 7.19
C VAL A 146 -29.66 -10.57 6.00
N PHE A 147 -28.36 -10.74 5.67
CA PHE A 147 -27.74 -9.93 4.62
C PHE A 147 -27.15 -10.70 3.44
N CYS A 148 -27.38 -12.01 3.37
CA CYS A 148 -26.85 -12.82 2.28
C CYS A 148 -28.00 -13.30 1.39
N PRO A 149 -27.77 -13.46 0.07
CA PRO A 149 -28.81 -14.05 -0.78
C PRO A 149 -29.08 -15.49 -0.34
N GLN A 150 -30.35 -15.88 -0.31
CA GLN A 150 -30.71 -17.22 0.19
C GLN A 150 -30.60 -18.30 -0.90
N GLU A 151 -30.77 -17.92 -2.19
CA GLU A 151 -30.49 -18.83 -3.31
C GLU A 151 -29.00 -18.69 -3.64
N PRO A 152 -28.31 -19.76 -4.09
CA PRO A 152 -26.87 -19.64 -4.36
C PRO A 152 -26.55 -18.62 -5.45
N ARG A 153 -25.50 -17.82 -5.18
CA ARG A 153 -24.96 -16.82 -6.07
C ARG A 153 -23.47 -17.01 -6.00
N LEU A 154 -22.87 -17.49 -7.09
CA LEU A 154 -21.44 -17.80 -7.07
C LEU A 154 -20.66 -17.04 -8.14
N ALA A 155 -19.50 -16.49 -7.76
CA ALA A 155 -18.62 -15.83 -8.73
C ALA A 155 -18.01 -16.93 -9.65
N PHE A 156 -17.76 -18.13 -9.12
CA PHE A 156 -17.23 -19.29 -9.81
C PHE A 156 -18.24 -20.43 -9.77
N PRO A 157 -19.16 -20.46 -10.74
CA PRO A 157 -20.21 -21.50 -10.69
C PRO A 157 -19.80 -22.88 -11.24
N GLU A 158 -18.92 -22.92 -12.26
CA GLU A 158 -18.41 -24.11 -12.97
C GLU A 158 -18.20 -25.38 -12.09
N GLU A 159 -18.49 -26.56 -12.71
CA GLU A 159 -18.45 -27.94 -12.19
C GLU A 159 -17.29 -28.24 -11.18
N ASN A 160 -16.07 -28.49 -11.67
CA ASN A 160 -14.92 -28.75 -10.81
C ASN A 160 -13.94 -27.63 -11.11
N ASN A 161 -14.40 -26.37 -10.92
CA ASN A 161 -13.60 -25.20 -11.25
C ASN A 161 -12.35 -25.05 -10.36
N ARG A 162 -11.36 -24.30 -10.86
CA ARG A 162 -10.07 -24.06 -10.22
C ARG A 162 -10.15 -23.61 -8.76
N SER A 163 -11.11 -22.73 -8.44
CA SER A 163 -11.24 -22.16 -7.11
C SER A 163 -11.35 -23.16 -5.96
N LEU A 164 -11.78 -24.39 -6.24
CA LEU A 164 -11.95 -25.44 -5.22
C LEU A 164 -10.95 -26.60 -5.32
N LYS A 165 -9.96 -26.50 -6.21
CA LYS A 165 -8.97 -27.56 -6.44
C LYS A 165 -8.01 -27.71 -5.25
N LYS A 166 -7.62 -28.94 -4.95
CA LYS A 166 -6.67 -29.27 -3.89
C LYS A 166 -5.26 -28.84 -4.35
N ILE A 167 -4.50 -28.21 -3.45
CA ILE A 167 -3.14 -27.79 -3.77
C ILE A 167 -2.12 -28.71 -3.06
N PRO A 168 -1.22 -29.33 -3.83
CA PRO A 168 -0.21 -30.21 -3.20
C PRO A 168 0.93 -29.45 -2.51
N LYS A 169 1.77 -30.16 -1.71
CA LYS A 169 2.88 -29.49 -1.02
C LYS A 169 4.14 -29.59 -1.83
N LEU A 170 4.81 -28.44 -2.07
CA LEU A 170 6.04 -28.36 -2.84
C LEU A 170 7.11 -29.23 -2.16
N GLU A 171 7.81 -30.04 -2.95
CA GLU A 171 8.85 -30.94 -2.44
C GLU A 171 10.23 -30.28 -2.63
N ASP A 172 11.10 -30.38 -1.63
CA ASP A 172 12.46 -29.83 -1.75
C ASP A 172 13.28 -30.74 -2.69
N PRO A 173 14.16 -30.17 -3.52
CA PRO A 173 14.48 -28.73 -3.60
C PRO A 173 13.54 -27.94 -4.52
N ALA A 174 13.28 -26.68 -4.17
CA ALA A 174 12.45 -25.80 -4.99
C ALA A 174 13.24 -25.34 -6.23
N GLN A 175 12.56 -25.01 -7.33
CA GLN A 175 13.27 -24.53 -8.52
C GLN A 175 13.78 -23.10 -8.28
N TYR A 176 12.94 -22.26 -7.67
CA TYR A 176 13.26 -20.86 -7.33
C TYR A 176 12.93 -20.54 -5.85
N SER A 177 13.57 -19.50 -5.30
CA SER A 177 13.34 -19.12 -3.90
C SER A 177 13.72 -17.68 -3.61
N MET A 178 13.05 -17.06 -2.61
CA MET A 178 13.35 -15.73 -2.09
C MET A 178 13.36 -15.92 -0.57
N ILE A 179 14.55 -15.84 0.05
CA ILE A 179 14.81 -16.15 1.46
C ILE A 179 14.82 -14.93 2.36
N GLY A 180 14.39 -15.11 3.61
CA GLY A 180 14.48 -14.07 4.63
C GLY A 180 13.55 -12.88 4.50
N LEU A 181 12.33 -13.11 4.02
CA LEU A 181 11.29 -12.08 3.90
C LEU A 181 10.72 -11.76 5.29
N LYS A 182 10.68 -10.46 5.67
CA LYS A 182 10.15 -10.06 6.97
C LYS A 182 9.12 -8.95 6.79
N PRO A 183 8.02 -8.96 7.56
CA PRO A 183 7.05 -7.86 7.44
C PRO A 183 7.54 -6.58 8.15
N ARG A 184 7.21 -5.40 7.61
CA ARG A 184 7.48 -4.13 8.29
C ARG A 184 6.10 -3.55 8.76
N ARG A 185 6.07 -2.41 9.48
CA ARG A 185 4.82 -1.88 10.00
C ARG A 185 3.75 -1.64 8.91
N ALA A 186 4.14 -1.26 7.69
CA ALA A 186 3.17 -1.06 6.61
C ALA A 186 2.46 -2.36 6.19
N ASP A 187 3.05 -3.54 6.53
CA ASP A 187 2.45 -4.86 6.24
C ASP A 187 1.38 -5.28 7.28
N LEU A 188 1.27 -4.54 8.40
CA LEU A 188 0.32 -4.91 9.45
C LEU A 188 -1.02 -4.20 9.30
N ASP A 189 -2.09 -4.80 9.83
CA ASP A 189 -3.41 -4.18 9.81
C ASP A 189 -3.60 -3.38 11.13
N MET A 190 -4.78 -2.77 11.32
CA MET A 190 -5.04 -2.00 12.54
C MET A 190 -4.97 -2.84 13.82
N ASN A 191 -5.09 -4.18 13.72
CA ASN A 191 -4.97 -5.07 14.89
C ASN A 191 -3.55 -5.66 15.08
N GLN A 192 -2.56 -5.16 14.30
CA GLN A 192 -1.15 -5.55 14.34
C GLN A 192 -0.88 -6.99 13.86
N HIS A 193 -1.76 -7.50 13.02
CA HIS A 193 -1.57 -8.80 12.39
C HIS A 193 -1.11 -8.53 10.96
N VAL A 194 -0.34 -9.45 10.36
CA VAL A 194 0.11 -9.27 8.98
C VAL A 194 -1.13 -9.31 8.05
N ASN A 195 -1.27 -8.29 7.20
CA ASN A 195 -2.35 -8.15 6.23
C ASN A 195 -2.35 -9.36 5.27
N ASN A 196 -3.52 -9.94 4.93
CA ASN A 196 -3.55 -11.12 4.02
C ASN A 196 -2.88 -10.89 2.68
N VAL A 197 -2.92 -9.64 2.17
CA VAL A 197 -2.34 -9.29 0.88
C VAL A 197 -0.81 -9.43 0.88
N THR A 198 -0.16 -9.20 2.04
CA THR A 198 1.31 -9.34 2.14
C THR A 198 1.76 -10.76 1.69
N TYR A 199 1.00 -11.80 2.08
CA TYR A 199 1.34 -13.19 1.74
C TYR A 199 1.30 -13.42 0.21
N ILE A 200 0.38 -12.72 -0.49
CA ILE A 200 0.34 -12.79 -1.96
C ILE A 200 1.66 -12.21 -2.52
N GLY A 201 2.10 -11.07 -1.99
CA GLY A 201 3.35 -10.42 -2.38
C GLY A 201 4.53 -11.34 -2.16
N TRP A 202 4.58 -11.99 -0.99
CA TRP A 202 5.65 -12.93 -0.66
C TRP A 202 5.67 -14.16 -1.56
N VAL A 203 4.50 -14.72 -1.91
CA VAL A 203 4.42 -15.85 -2.85
C VAL A 203 5.08 -15.45 -4.19
N LEU A 204 4.70 -14.25 -4.68
CA LEU A 204 5.13 -13.74 -5.96
C LEU A 204 6.61 -13.39 -6.03
N GLU A 205 7.25 -13.12 -4.88
CA GLU A 205 8.66 -12.76 -4.82
C GLU A 205 9.59 -13.83 -5.40
N SER A 206 9.22 -15.12 -5.29
CA SER A 206 10.07 -16.19 -5.85
C SER A 206 9.79 -16.53 -7.34
N ILE A 207 8.89 -15.78 -7.98
CA ILE A 207 8.65 -15.94 -9.42
C ILE A 207 9.78 -15.16 -10.08
N PRO A 208 10.48 -15.75 -11.07
CA PRO A 208 11.56 -14.98 -11.74
C PRO A 208 11.06 -13.69 -12.38
N GLN A 209 11.88 -12.64 -12.36
CA GLN A 209 11.52 -11.35 -12.95
C GLN A 209 11.24 -11.49 -14.47
N GLU A 210 11.88 -12.45 -15.16
CA GLU A 210 11.66 -12.67 -16.60
C GLU A 210 10.21 -13.11 -16.89
N ILE A 211 9.62 -13.94 -16.00
CA ILE A 211 8.23 -14.39 -16.16
C ILE A 211 7.33 -13.18 -15.98
N VAL A 212 7.56 -12.39 -14.94
CA VAL A 212 6.79 -11.19 -14.69
C VAL A 212 6.89 -10.19 -15.89
N ASP A 213 8.09 -10.02 -16.44
CA ASP A 213 8.32 -9.13 -17.59
C ASP A 213 7.66 -9.58 -18.91
N THR A 214 7.46 -10.89 -19.11
CA THR A 214 6.90 -11.41 -20.36
C THR A 214 5.51 -12.03 -20.25
N HIS A 215 4.97 -12.15 -19.04
CA HIS A 215 3.68 -12.78 -18.82
C HIS A 215 2.78 -11.93 -17.95
N GLU A 216 1.48 -12.17 -18.07
CA GLU A 216 0.46 -11.56 -17.23
C GLU A 216 -0.06 -12.65 -16.29
N LEU A 217 -0.22 -12.33 -15.01
CA LEU A 217 -0.82 -13.28 -14.07
C LEU A 217 -2.32 -13.39 -14.36
N GLN A 218 -2.84 -14.61 -14.59
CA GLN A 218 -4.25 -14.83 -14.93
C GLN A 218 -5.04 -15.31 -13.70
N VAL A 219 -4.51 -16.31 -12.99
CA VAL A 219 -5.18 -16.89 -11.83
C VAL A 219 -4.17 -17.09 -10.70
N ILE A 220 -4.58 -16.84 -9.43
CA ILE A 220 -3.80 -17.14 -8.24
C ILE A 220 -4.73 -17.79 -7.21
N THR A 221 -4.30 -18.93 -6.63
CA THR A 221 -5.08 -19.61 -5.59
C THR A 221 -4.15 -19.75 -4.41
N LEU A 222 -4.56 -19.24 -3.26
CA LEU A 222 -3.70 -19.27 -2.11
C LEU A 222 -4.41 -19.78 -0.89
N ASP A 223 -3.90 -20.88 -0.31
CA ASP A 223 -4.35 -21.48 0.95
C ASP A 223 -3.58 -20.78 2.10
N TYR A 224 -4.27 -20.50 3.21
CA TYR A 224 -3.71 -19.86 4.41
C TYR A 224 -3.81 -20.93 5.54
N ARG A 225 -2.70 -21.24 6.18
CA ARG A 225 -2.65 -22.32 7.18
C ARG A 225 -2.31 -21.81 8.57
N ARG A 226 -1.44 -20.84 8.63
CA ARG A 226 -0.93 -20.31 9.88
C ARG A 226 -0.47 -18.87 9.59
N GLU A 227 -0.40 -18.04 10.62
CA GLU A 227 0.01 -16.66 10.48
C GLU A 227 1.49 -16.41 10.64
N CYS A 228 2.01 -15.41 9.93
CA CYS A 228 3.38 -14.93 10.12
C CYS A 228 3.27 -13.85 11.21
N GLN A 229 4.01 -14.01 12.31
CA GLN A 229 4.00 -13.04 13.40
C GLN A 229 4.91 -11.85 13.00
N GLN A 230 4.74 -10.72 13.66
CA GLN A 230 5.51 -9.50 13.43
C GLN A 230 7.04 -9.76 13.49
N ASP A 231 7.50 -10.72 14.32
CA ASP A 231 8.92 -11.05 14.45
C ASP A 231 9.36 -12.37 13.74
N ASP A 232 8.50 -12.94 12.89
CA ASP A 232 8.84 -14.15 12.12
C ASP A 232 9.54 -13.76 10.78
N VAL A 233 10.19 -14.74 10.15
CA VAL A 233 10.93 -14.58 8.88
C VAL A 233 10.43 -15.73 7.99
N VAL A 234 10.15 -15.42 6.73
CA VAL A 234 9.55 -16.35 5.79
C VAL A 234 10.44 -16.60 4.58
N ASP A 235 10.41 -17.83 4.06
CA ASP A 235 11.05 -18.21 2.82
C ASP A 235 9.93 -18.50 1.84
N SER A 236 10.09 -18.05 0.62
CA SER A 236 9.13 -18.20 -0.47
C SER A 236 9.72 -19.14 -1.51
N LEU A 237 9.05 -20.26 -1.77
CA LEU A 237 9.55 -21.26 -2.69
C LEU A 237 8.59 -21.42 -3.87
N THR A 238 9.16 -21.68 -5.07
CA THR A 238 8.40 -21.81 -6.32
C THR A 238 9.03 -22.87 -7.25
N THR A 239 8.17 -23.71 -7.88
CA THR A 239 8.57 -24.73 -8.84
C THR A 239 7.60 -24.71 -10.03
N THR A 240 8.13 -24.67 -11.26
CA THR A 240 7.29 -24.69 -12.46
C THR A 240 6.64 -26.06 -12.57
N THR A 241 5.31 -26.11 -12.74
CA THR A 241 4.63 -27.38 -12.93
C THR A 241 4.22 -27.62 -14.39
N SER A 242 4.17 -26.56 -15.22
CA SER A 242 3.83 -26.74 -16.64
C SER A 242 5.05 -27.29 -17.41
N ASN A 259 1.77 -22.24 -24.19
CA ASN A 259 1.46 -20.80 -24.16
C ASN A 259 1.23 -20.26 -22.72
N ASP A 260 0.91 -21.14 -21.77
CA ASP A 260 0.69 -20.75 -20.38
C ASP A 260 1.79 -21.29 -19.48
N SER A 261 2.12 -20.58 -18.39
CA SER A 261 3.12 -21.02 -17.41
C SER A 261 2.37 -21.27 -16.08
N GLN A 262 2.63 -22.40 -15.41
CA GLN A 262 1.97 -22.72 -14.15
C GLN A 262 3.03 -23.00 -13.09
N PHE A 263 2.78 -22.52 -11.88
CA PHE A 263 3.73 -22.69 -10.79
C PHE A 263 3.04 -23.20 -9.54
N LEU A 264 3.80 -23.89 -8.69
CA LEU A 264 3.39 -24.37 -7.38
C LEU A 264 4.24 -23.56 -6.36
N HIS A 265 3.60 -23.09 -5.28
CA HIS A 265 4.21 -22.20 -4.30
C HIS A 265 4.12 -22.71 -2.88
N LEU A 266 5.11 -22.34 -2.05
CA LEU A 266 5.12 -22.67 -0.64
C LEU A 266 5.80 -21.54 0.16
N LEU A 267 5.13 -21.03 1.21
CA LEU A 267 5.70 -20.07 2.15
C LEU A 267 5.87 -20.84 3.45
N ARG A 268 7.05 -20.75 4.03
CA ARG A 268 7.32 -21.42 5.30
C ARG A 268 8.22 -20.55 6.16
N LEU A 269 8.18 -20.76 7.48
CA LEU A 269 9.01 -19.99 8.39
C LEU A 269 10.46 -20.42 8.17
N SER A 270 11.40 -19.47 8.04
CA SER A 270 12.78 -19.79 7.69
C SER A 270 13.53 -20.61 8.74
N GLY A 271 13.10 -20.52 9.99
CA GLY A 271 13.71 -21.28 11.05
C GLY A 271 13.36 -22.74 10.92
N ASP A 272 12.26 -23.12 11.58
CA ASP A 272 11.79 -24.51 11.65
C ASP A 272 11.12 -25.07 10.36
N GLY A 273 10.84 -24.23 9.35
CA GLY A 273 10.24 -24.71 8.12
C GLY A 273 8.75 -25.02 8.18
N GLN A 274 8.08 -24.51 9.22
CA GLN A 274 6.64 -24.62 9.42
C GLN A 274 5.87 -23.96 8.27
N GLU A 275 5.00 -24.72 7.59
CA GLU A 275 4.21 -24.16 6.50
C GLU A 275 3.29 -23.03 6.99
N ILE A 276 3.24 -21.91 6.24
CA ILE A 276 2.28 -20.86 6.56
C ILE A 276 1.23 -20.75 5.41
N ASN A 277 1.66 -20.95 4.14
CA ASN A 277 0.78 -20.92 2.96
C ASN A 277 1.25 -21.86 1.88
N ARG A 278 0.34 -22.30 1.03
CA ARG A 278 0.65 -23.00 -0.20
C ARG A 278 -0.27 -22.44 -1.30
N GLY A 279 0.16 -22.47 -2.55
CA GLY A 279 -0.68 -21.97 -3.64
C GLY A 279 -0.18 -22.27 -5.03
N THR A 280 -0.94 -21.83 -6.03
CA THR A 280 -0.59 -21.99 -7.46
C THR A 280 -0.87 -20.69 -8.23
N THR A 281 -0.08 -20.42 -9.27
CA THR A 281 -0.33 -19.29 -10.16
C THR A 281 -0.37 -19.77 -11.62
N LEU A 282 -1.21 -19.14 -12.45
CA LEU A 282 -1.28 -19.46 -13.88
C LEU A 282 -1.00 -18.13 -14.58
N TRP A 283 -0.06 -18.15 -15.54
CA TRP A 283 0.37 -16.95 -16.24
C TRP A 283 0.22 -17.16 -17.74
N ARG A 284 -0.07 -16.10 -18.47
CA ARG A 284 -0.21 -16.18 -19.93
C ARG A 284 0.82 -15.27 -20.58
N LYS A 285 1.45 -15.71 -21.66
CA LYS A 285 2.43 -14.88 -22.36
C LYS A 285 1.73 -13.65 -22.96
N LYS A 286 2.27 -12.44 -22.69
CA LYS A 286 1.70 -11.18 -23.18
C LYS A 286 1.59 -11.17 -24.71
N GLY B 2 -10.48 15.04 -8.34
CA GLY B 2 -9.54 16.14 -8.13
C GLY B 2 -9.56 17.13 -9.28
N SER B 3 -9.09 18.37 -9.02
CA SER B 3 -9.09 19.38 -10.06
C SER B 3 -8.15 20.55 -9.76
N LEU B 4 -7.72 21.25 -10.83
CA LEU B 4 -6.97 22.50 -10.66
C LEU B 4 -7.95 23.53 -10.01
N THR B 5 -7.43 24.43 -9.20
CA THR B 5 -8.24 25.48 -8.61
C THR B 5 -8.62 26.53 -9.69
N GLU B 6 -9.53 27.47 -9.35
CA GLU B 6 -9.97 28.52 -10.25
C GLU B 6 -8.86 29.22 -11.08
N ASP B 7 -7.74 29.63 -10.43
CA ASP B 7 -6.64 30.33 -11.08
C ASP B 7 -5.71 29.41 -11.90
N GLY B 8 -5.81 28.10 -11.71
CA GLY B 8 -5.00 27.10 -12.41
C GLY B 8 -3.57 26.97 -11.90
N LEU B 9 -3.29 27.59 -10.71
CA LEU B 9 -1.95 27.58 -10.10
C LEU B 9 -1.78 26.59 -8.92
N SER B 10 -2.83 25.80 -8.61
CA SER B 10 -2.74 24.75 -7.58
C SER B 10 -3.78 23.66 -7.90
N TYR B 11 -3.73 22.54 -7.18
CA TYR B 11 -4.58 21.38 -7.46
C TYR B 11 -5.11 20.82 -6.16
N LYS B 12 -6.39 20.44 -6.12
CA LYS B 12 -7.00 19.87 -4.92
C LYS B 12 -7.59 18.49 -5.21
N GLU B 13 -7.57 17.60 -4.22
CA GLU B 13 -8.16 16.28 -4.34
C GLU B 13 -8.60 15.78 -2.97
N LYS B 14 -9.72 15.06 -2.93
CA LYS B 14 -10.28 14.48 -1.72
C LYS B 14 -10.04 12.96 -1.72
N PHE B 15 -9.72 12.41 -0.56
CA PHE B 15 -9.42 10.97 -0.41
C PHE B 15 -10.20 10.42 0.79
N VAL B 16 -10.79 9.23 0.64
CA VAL B 16 -11.47 8.57 1.76
C VAL B 16 -10.47 7.58 2.34
N VAL B 17 -10.07 7.75 3.60
CA VAL B 17 -9.07 6.85 4.23
C VAL B 17 -9.55 5.36 4.30
N ARG B 18 -8.76 4.45 3.69
CA ARG B 18 -9.12 3.02 3.61
C ARG B 18 -8.78 2.21 4.85
N SER B 19 -9.46 1.06 5.00
CA SER B 19 -9.24 0.12 6.10
C SER B 19 -7.77 -0.29 6.27
N TYR B 20 -7.08 -0.66 5.19
CA TYR B 20 -5.68 -1.12 5.23
C TYR B 20 -4.63 0.03 5.33
N GLU B 21 -5.11 1.29 5.23
CA GLU B 21 -4.28 2.47 5.30
C GLU B 21 -4.03 2.97 6.72
N VAL B 22 -4.73 2.43 7.72
CA VAL B 22 -4.63 2.90 9.10
C VAL B 22 -3.84 1.98 10.02
N GLY B 23 -3.28 2.58 11.08
CA GLY B 23 -2.53 1.85 12.11
C GLY B 23 -3.39 1.42 13.29
N SER B 24 -2.75 1.07 14.43
CA SER B 24 -3.44 0.58 15.63
C SER B 24 -4.46 1.57 16.26
N ASN B 25 -4.26 2.89 16.08
CA ASN B 25 -5.21 3.89 16.58
C ASN B 25 -6.34 4.23 15.55
N LYS B 26 -6.45 3.42 14.48
CA LYS B 26 -7.47 3.60 13.44
C LYS B 26 -7.42 4.94 12.71
N THR B 27 -6.21 5.53 12.60
CA THR B 27 -5.93 6.74 11.85
C THR B 27 -4.85 6.43 10.80
N ALA B 28 -4.78 7.21 9.73
CA ALA B 28 -3.82 6.97 8.66
C ALA B 28 -2.37 6.99 9.13
N THR B 29 -1.56 6.08 8.61
CA THR B 29 -0.14 6.05 8.94
C THR B 29 0.56 7.21 8.22
N VAL B 30 1.78 7.59 8.64
CA VAL B 30 2.50 8.64 7.92
C VAL B 30 2.85 8.17 6.49
N GLU B 31 2.99 6.84 6.27
CA GLU B 31 3.26 6.29 4.95
C GLU B 31 2.02 6.46 4.06
N THR B 32 0.82 6.24 4.61
CA THR B 32 -0.43 6.50 3.87
C THR B 32 -0.47 7.99 3.45
N ILE B 33 -0.21 8.91 4.38
CA ILE B 33 -0.16 10.34 4.09
C ILE B 33 0.84 10.63 2.94
N ALA B 34 2.11 10.14 3.05
CA ALA B 34 3.11 10.34 2.01
C ALA B 34 2.65 9.78 0.63
N ASN B 35 1.97 8.62 0.62
CA ASN B 35 1.41 8.03 -0.63
C ASN B 35 0.36 9.00 -1.25
N LEU B 36 -0.52 9.53 -0.41
CA LEU B 36 -1.55 10.50 -0.85
C LEU B 36 -0.92 11.81 -1.41
N LEU B 37 0.16 12.30 -0.79
CA LEU B 37 0.88 13.47 -1.30
C LEU B 37 1.46 13.15 -2.69
N GLN B 38 2.06 11.95 -2.87
CA GLN B 38 2.58 11.57 -4.19
C GLN B 38 1.46 11.45 -5.24
N GLU B 39 0.33 10.87 -4.85
CA GLU B 39 -0.81 10.70 -5.77
C GLU B 39 -1.38 12.06 -6.25
N VAL B 40 -1.63 12.99 -5.31
CA VAL B 40 -2.15 14.32 -5.70
C VAL B 40 -1.07 15.10 -6.52
N GLY B 41 0.21 14.88 -6.22
CA GLY B 41 1.31 15.46 -6.97
C GLY B 41 1.29 14.98 -8.42
N CYS B 42 1.09 13.65 -8.63
CA CYS B 42 0.99 13.06 -9.97
C CYS B 42 -0.24 13.61 -10.72
N ASN B 43 -1.40 13.73 -10.03
CA ASN B 43 -2.61 14.21 -10.69
C ASN B 43 -2.46 15.68 -11.12
N HIS B 44 -1.76 16.48 -10.31
CA HIS B 44 -1.45 17.86 -10.63
C HIS B 44 -0.57 17.94 -11.90
N ALA B 45 0.57 17.18 -11.90
CA ALA B 45 1.48 17.11 -13.05
C ALA B 45 0.75 16.75 -14.35
N GLN B 46 -0.13 15.75 -14.31
CA GLN B 46 -0.92 15.31 -15.47
C GLN B 46 -1.85 16.40 -15.96
N SER B 47 -2.46 17.12 -15.03
CA SER B 47 -3.38 18.20 -15.37
C SER B 47 -2.69 19.41 -16.00
N VAL B 48 -1.39 19.65 -15.69
CA VAL B 48 -0.68 20.79 -16.29
C VAL B 48 0.23 20.37 -17.49
N GLY B 49 -0.02 19.22 -18.09
CA GLY B 49 0.70 18.79 -19.29
C GLY B 49 2.03 18.10 -19.16
N PHE B 50 2.32 17.47 -18.00
CA PHE B 50 3.57 16.71 -17.85
C PHE B 50 3.45 15.32 -18.52
N SER B 51 4.59 14.65 -18.75
CA SER B 51 4.61 13.29 -19.33
C SER B 51 3.76 12.30 -18.51
N THR B 52 3.22 11.26 -19.17
CA THR B 52 2.39 10.23 -18.53
C THR B 52 3.12 8.88 -18.43
N ASP B 53 4.46 8.90 -18.30
CA ASP B 53 5.27 7.68 -18.23
C ASP B 53 5.76 7.31 -16.83
N GLY B 54 5.42 8.11 -15.82
CA GLY B 54 5.90 7.87 -14.47
C GLY B 54 7.07 8.75 -14.07
N PHE B 55 7.69 9.43 -15.06
CA PHE B 55 8.81 10.33 -14.76
C PHE B 55 8.39 11.78 -14.54
N ALA B 56 7.16 12.17 -14.99
CA ALA B 56 6.64 13.53 -14.87
C ALA B 56 7.66 14.57 -15.37
N THR B 57 7.99 14.51 -16.65
CA THR B 57 8.99 15.41 -17.23
C THR B 57 8.34 16.49 -18.10
N THR B 58 9.07 17.58 -18.34
CA THR B 58 8.63 18.63 -19.26
C THR B 58 9.19 18.28 -20.68
N THR B 59 8.80 19.03 -21.73
CA THR B 59 9.28 18.75 -23.10
C THR B 59 10.78 19.04 -23.20
N THR B 60 11.27 20.11 -22.55
CA THR B 60 12.70 20.41 -22.55
C THR B 60 13.48 19.27 -21.85
N MET B 61 12.97 18.79 -20.69
CA MET B 61 13.60 17.69 -19.98
C MET B 61 13.71 16.40 -20.83
N ARG B 62 12.66 16.05 -21.59
CA ARG B 62 12.70 14.84 -22.42
C ARG B 62 13.75 14.95 -23.51
N LYS B 63 13.85 16.13 -24.11
CA LYS B 63 14.83 16.42 -25.16
C LYS B 63 16.26 16.35 -24.62
N LEU B 64 16.47 16.81 -23.38
CA LEU B 64 17.78 16.82 -22.74
C LEU B 64 18.09 15.57 -21.89
N HIS B 65 17.22 14.55 -21.90
CA HIS B 65 17.40 13.31 -21.10
C HIS B 65 17.50 13.59 -19.58
N LEU B 66 16.66 14.51 -19.07
CA LEU B 66 16.65 14.89 -17.66
C LEU B 66 15.41 14.42 -16.91
N ILE B 67 15.56 14.17 -15.60
CA ILE B 67 14.48 13.81 -14.67
C ILE B 67 14.69 14.54 -13.33
N TRP B 68 13.62 14.68 -12.55
CA TRP B 68 13.70 15.25 -11.20
C TRP B 68 13.94 14.11 -10.22
N VAL B 69 14.79 14.33 -9.21
CA VAL B 69 14.97 13.38 -8.12
C VAL B 69 14.72 14.08 -6.79
N THR B 70 14.19 13.36 -5.80
CA THR B 70 13.91 13.95 -4.49
C THR B 70 15.23 14.20 -3.73
N ALA B 71 15.35 15.36 -3.14
CA ALA B 71 16.47 15.73 -2.28
C ALA B 71 16.02 15.69 -0.80
N ARG B 72 14.76 16.10 -0.54
CA ARG B 72 14.25 16.14 0.81
C ARG B 72 12.74 16.10 0.83
N MET B 73 12.16 15.41 1.84
CA MET B 73 10.74 15.40 2.13
C MET B 73 10.58 15.83 3.61
N HIS B 74 9.68 16.76 3.90
CA HIS B 74 9.41 17.24 5.26
C HIS B 74 7.89 17.25 5.47
N ILE B 75 7.39 16.51 6.47
CA ILE B 75 5.95 16.42 6.76
C ILE B 75 5.68 16.70 8.24
N GLU B 76 4.66 17.52 8.53
N GLU B 76 4.67 17.53 8.53
N GLU B 76 4.66 17.52 8.53
CA GLU B 76 4.23 17.84 9.87
CA GLU B 76 4.23 17.87 9.88
CA GLU B 76 4.22 17.83 9.87
C GLU B 76 2.74 17.55 9.96
C GLU B 76 2.73 17.58 9.98
C GLU B 76 2.73 17.55 9.96
N ILE B 77 2.33 16.63 10.84
CA ILE B 77 0.92 16.29 11.00
C ILE B 77 0.42 16.75 12.38
N TYR B 78 -0.72 17.44 12.40
CA TYR B 78 -1.39 17.92 13.60
C TYR B 78 -2.43 16.85 14.02
N LYS B 79 -3.17 16.31 13.05
CA LYS B 79 -4.16 15.25 13.27
C LYS B 79 -4.14 14.28 12.10
N TYR B 80 -4.00 12.97 12.36
CA TYR B 80 -4.07 11.97 11.30
C TYR B 80 -5.55 11.63 11.06
N PRO B 81 -6.03 11.64 9.80
CA PRO B 81 -7.46 11.33 9.57
C PRO B 81 -7.84 9.91 9.94
N ALA B 82 -9.03 9.74 10.54
CA ALA B 82 -9.50 8.41 10.93
C ALA B 82 -9.96 7.60 9.69
N TRP B 83 -10.04 6.27 9.85
CA TRP B 83 -10.55 5.30 8.86
C TRP B 83 -11.97 5.78 8.43
N GLY B 84 -12.21 5.95 7.13
CA GLY B 84 -13.49 6.43 6.65
C GLY B 84 -13.64 7.94 6.51
N ASP B 85 -12.73 8.72 7.13
CA ASP B 85 -12.74 10.18 7.02
C ASP B 85 -12.32 10.64 5.61
N VAL B 86 -12.73 11.84 5.22
CA VAL B 86 -12.34 12.42 3.93
C VAL B 86 -11.30 13.49 4.22
N VAL B 87 -10.13 13.41 3.59
CA VAL B 87 -9.10 14.42 3.74
C VAL B 87 -8.93 15.17 2.40
N GLU B 88 -8.88 16.52 2.42
CA GLU B 88 -8.65 17.26 1.18
C GLU B 88 -7.21 17.74 1.16
N ILE B 89 -6.48 17.49 0.06
CA ILE B 89 -5.10 17.92 -0.04
C ILE B 89 -4.95 18.91 -1.19
N GLU B 90 -4.31 20.06 -0.96
CA GLU B 90 -4.03 21.08 -1.97
C GLU B 90 -2.49 21.09 -2.23
N THR B 91 -2.08 21.11 -3.49
CA THR B 91 -0.67 21.06 -3.85
C THR B 91 -0.35 22.08 -4.93
N TRP B 92 0.90 22.54 -4.91
CA TRP B 92 1.39 23.50 -5.88
C TRP B 92 2.91 23.38 -5.92
N CYS B 93 3.52 23.90 -6.99
CA CYS B 93 4.96 23.87 -7.19
C CYS B 93 5.56 25.27 -7.23
N GLN B 94 6.87 25.35 -7.07
CA GLN B 94 7.57 26.63 -7.16
C GLN B 94 8.97 26.39 -7.70
N SER B 95 9.44 27.30 -8.56
CA SER B 95 10.79 27.25 -9.10
C SER B 95 11.71 27.94 -8.07
N GLU B 96 12.88 27.34 -7.75
CA GLU B 96 13.81 27.98 -6.81
C GLU B 96 15.11 28.32 -7.53
N GLY B 97 15.01 29.25 -8.50
CA GLY B 97 16.12 29.64 -9.36
C GLY B 97 16.72 28.46 -10.11
N ARG B 98 18.03 28.35 -10.10
CA ARG B 98 18.76 27.25 -10.71
C ARG B 98 19.00 26.07 -9.71
N ILE B 99 18.69 26.26 -8.41
CA ILE B 99 18.92 25.21 -7.41
C ILE B 99 18.09 23.94 -7.72
N GLY B 100 16.79 24.13 -7.92
CA GLY B 100 15.83 23.06 -8.15
C GLY B 100 14.40 23.57 -8.06
N THR B 101 13.46 22.69 -7.75
CA THR B 101 12.06 23.08 -7.59
C THR B 101 11.52 22.54 -6.24
N ARG B 102 10.36 23.04 -5.83
CA ARG B 102 9.70 22.63 -4.60
C ARG B 102 8.25 22.27 -4.89
N ARG B 103 7.73 21.24 -4.19
CA ARG B 103 6.31 20.92 -4.25
C ARG B 103 5.87 21.01 -2.80
N ASP B 104 4.82 21.81 -2.55
CA ASP B 104 4.22 22.01 -1.23
C ASP B 104 2.82 21.44 -1.14
N TRP B 105 2.39 21.07 0.05
CA TRP B 105 1.06 20.48 0.27
C TRP B 105 0.45 21.01 1.56
N ILE B 106 -0.89 21.17 1.56
CA ILE B 106 -1.70 21.49 2.73
C ILE B 106 -2.78 20.43 2.85
N LEU B 107 -2.92 19.83 4.04
CA LEU B 107 -3.96 18.82 4.25
C LEU B 107 -5.05 19.42 5.13
N LYS B 108 -6.30 19.20 4.80
CA LYS B 108 -7.44 19.69 5.57
C LYS B 108 -8.49 18.62 5.86
N ASP B 109 -9.22 18.79 6.96
CA ASP B 109 -10.34 17.90 7.27
C ASP B 109 -11.46 18.42 6.38
N SER B 110 -12.00 17.57 5.51
CA SER B 110 -13.05 18.00 4.59
C SER B 110 -14.31 18.53 5.32
N VAL B 111 -14.68 17.91 6.44
CA VAL B 111 -15.87 18.32 7.20
C VAL B 111 -15.67 19.63 7.96
N THR B 112 -14.56 19.76 8.70
CA THR B 112 -14.32 20.96 9.50
C THR B 112 -13.64 22.11 8.75
N GLY B 113 -12.85 21.79 7.73
CA GLY B 113 -12.10 22.79 6.96
C GLY B 113 -10.78 23.22 7.61
N GLU B 114 -10.46 22.63 8.75
CA GLU B 114 -9.28 22.89 9.55
C GLU B 114 -8.03 22.25 8.93
N VAL B 115 -6.88 22.93 9.01
CA VAL B 115 -5.62 22.39 8.52
C VAL B 115 -5.17 21.34 9.49
N THR B 116 -4.94 20.12 9.00
CA THR B 116 -4.52 18.99 9.80
C THR B 116 -3.05 18.59 9.56
N GLY B 117 -2.42 19.15 8.53
CA GLY B 117 -1.04 18.84 8.22
C GLY B 117 -0.50 19.66 7.07
N ARG B 118 0.83 19.68 6.93
N ARG B 118 0.82 19.68 6.93
N ARG B 118 0.82 19.65 6.92
CA ARG B 118 1.49 20.37 5.83
CA ARG B 118 1.50 20.38 5.85
CA ARG B 118 1.49 20.36 5.84
C ARG B 118 2.80 19.69 5.48
C ARG B 118 2.80 19.69 5.48
C ARG B 118 2.78 19.65 5.47
N ALA B 119 3.19 19.79 4.21
CA ALA B 119 4.39 19.14 3.73
C ALA B 119 5.08 19.93 2.63
N THR B 120 6.37 19.72 2.50
CA THR B 120 7.18 20.39 1.50
C THR B 120 8.24 19.36 1.03
N SER B 121 8.60 19.43 -0.24
CA SER B 121 9.61 18.57 -0.83
C SER B 121 10.54 19.40 -1.74
N LYS B 122 11.84 19.06 -1.76
CA LYS B 122 12.82 19.72 -2.63
C LYS B 122 13.30 18.69 -3.66
N TRP B 123 13.37 19.08 -4.93
CA TRP B 123 13.72 18.25 -6.06
C TRP B 123 14.91 18.88 -6.80
N VAL B 124 15.87 18.04 -7.21
CA VAL B 124 17.05 18.50 -7.96
C VAL B 124 17.08 17.84 -9.36
N MET B 125 17.62 18.55 -10.37
CA MET B 125 17.67 18.01 -11.73
C MET B 125 18.79 16.96 -11.85
N MET B 126 18.55 15.90 -12.62
CA MET B 126 19.54 14.84 -12.82
C MET B 126 19.47 14.34 -14.26
N ASN B 127 20.62 14.03 -14.84
CA ASN B 127 20.67 13.42 -16.16
C ASN B 127 20.27 11.97 -15.95
N GLN B 128 19.30 11.49 -16.70
CA GLN B 128 18.77 10.15 -16.54
C GLN B 128 19.78 9.04 -16.85
N ASP B 129 20.65 9.28 -17.84
CA ASP B 129 21.67 8.34 -18.30
C ASP B 129 22.89 8.24 -17.37
N THR B 130 23.62 9.36 -17.14
CA THR B 130 24.81 9.39 -16.28
C THR B 130 24.50 9.44 -14.78
N ARG B 131 23.27 9.81 -14.41
CA ARG B 131 22.86 9.94 -13.02
C ARG B 131 23.63 11.12 -12.32
N ARG B 132 24.05 12.12 -13.12
CA ARG B 132 24.73 13.31 -12.59
C ARG B 132 23.77 14.46 -12.34
N LEU B 133 23.84 15.06 -11.12
CA LEU B 133 23.01 16.20 -10.75
C LEU B 133 23.43 17.43 -11.52
N GLN B 134 22.48 18.32 -11.75
CA GLN B 134 22.76 19.55 -12.46
C GLN B 134 21.83 20.68 -12.05
N LYS B 135 22.12 21.88 -12.55
CA LYS B 135 21.31 23.06 -12.29
C LYS B 135 20.10 23.08 -13.23
N VAL B 136 19.07 23.83 -12.86
CA VAL B 136 17.87 24.00 -13.69
C VAL B 136 18.17 25.02 -14.80
N SER B 137 17.98 24.65 -16.07
CA SER B 137 18.26 25.53 -17.21
C SER B 137 17.19 26.65 -17.36
N ASP B 138 17.51 27.74 -18.08
CA ASP B 138 16.55 28.82 -18.29
C ASP B 138 15.24 28.36 -18.96
N ASP B 139 15.30 27.38 -19.89
CA ASP B 139 14.09 26.88 -20.54
C ASP B 139 13.17 26.12 -19.59
N VAL B 140 13.75 25.38 -18.62
CA VAL B 140 12.94 24.67 -17.64
C VAL B 140 12.30 25.68 -16.66
N ARG B 141 13.03 26.74 -16.28
CA ARG B 141 12.47 27.77 -15.39
C ARG B 141 11.27 28.46 -16.04
N ASP B 142 11.30 28.64 -17.38
CA ASP B 142 10.21 29.24 -18.13
C ASP B 142 8.99 28.32 -18.16
N GLU B 143 9.21 26.99 -18.24
CA GLU B 143 8.11 26.04 -18.22
C GLU B 143 7.38 26.06 -16.86
N TYR B 144 8.12 26.29 -15.76
CA TYR B 144 7.50 26.33 -14.43
C TYR B 144 6.69 27.61 -14.20
N LEU B 145 7.10 28.74 -14.80
CA LEU B 145 6.33 29.99 -14.71
C LEU B 145 4.88 29.82 -15.20
N VAL B 146 4.68 28.91 -16.15
CA VAL B 146 3.37 28.65 -16.72
C VAL B 146 2.33 28.23 -15.65
N PHE B 147 2.70 27.31 -14.76
CA PHE B 147 1.74 26.72 -13.82
C PHE B 147 2.05 26.94 -12.33
N CYS B 148 3.03 27.77 -12.00
CA CYS B 148 3.39 28.02 -10.61
C CYS B 148 3.02 29.45 -10.25
N PRO B 149 2.63 29.71 -8.98
CA PRO B 149 2.41 31.11 -8.56
C PRO B 149 3.72 31.88 -8.64
N GLN B 150 3.66 33.13 -9.13
CA GLN B 150 4.89 33.90 -9.33
C GLN B 150 5.35 34.62 -8.06
N GLU B 151 4.42 34.98 -7.16
CA GLU B 151 4.79 35.48 -5.83
C GLU B 151 4.97 34.26 -4.90
N PRO B 152 5.88 34.32 -3.91
CA PRO B 152 6.09 33.12 -3.06
C PRO B 152 4.85 32.70 -2.29
N ARG B 153 4.64 31.38 -2.26
CA ARG B 153 3.56 30.72 -1.56
C ARG B 153 4.23 29.53 -0.89
N LEU B 154 4.36 29.56 0.44
CA LEU B 154 5.08 28.51 1.15
C LEU B 154 4.21 27.82 2.20
N ALA B 155 4.24 26.49 2.24
CA ALA B 155 3.56 25.71 3.28
C ALA B 155 4.24 25.97 4.64
N PHE B 156 5.56 26.20 4.63
CA PHE B 156 6.40 26.51 5.78
C PHE B 156 7.04 27.89 5.59
N PRO B 157 6.33 28.96 5.95
CA PRO B 157 6.87 30.31 5.69
C PRO B 157 7.89 30.81 6.72
N GLU B 158 7.68 30.51 8.02
CA GLU B 158 8.53 30.91 9.16
C GLU B 158 10.05 30.95 8.84
N GLU B 159 10.72 32.08 9.12
CA GLU B 159 12.17 32.17 8.86
C GLU B 159 12.91 31.22 9.83
N ASN B 160 13.90 30.48 9.32
CA ASN B 160 14.67 29.48 10.08
C ASN B 160 13.82 28.32 10.61
N ASN B 161 12.81 27.85 9.83
CA ASN B 161 11.94 26.76 10.29
C ASN B 161 12.56 25.35 10.11
N ARG B 162 11.96 24.32 10.75
CA ARG B 162 12.43 22.93 10.73
C ARG B 162 12.70 22.36 9.34
N SER B 163 11.82 22.65 8.37
CA SER B 163 11.91 22.10 7.02
C SER B 163 13.22 22.33 6.30
N LEU B 164 13.99 23.36 6.69
CA LEU B 164 15.26 23.70 6.05
C LEU B 164 16.51 23.44 6.93
N LYS B 165 16.33 22.82 8.11
CA LYS B 165 17.41 22.57 9.05
C LYS B 165 18.39 21.50 8.52
N LYS B 166 19.68 21.67 8.80
CA LYS B 166 20.73 20.73 8.42
C LYS B 166 20.61 19.49 9.31
N ILE B 167 20.74 18.30 8.71
CA ILE B 167 20.69 17.06 9.48
C ILE B 167 22.09 16.45 9.60
N PRO B 168 22.55 16.20 10.83
CA PRO B 168 23.89 15.61 11.00
C PRO B 168 23.93 14.10 10.72
N LYS B 169 25.15 13.51 10.63
CA LYS B 169 25.25 12.07 10.36
C LYS B 169 25.37 11.29 11.66
N LEU B 170 24.53 10.26 11.83
CA LEU B 170 24.49 9.41 13.01
C LEU B 170 25.87 8.75 13.17
N GLU B 171 26.41 8.77 14.37
CA GLU B 171 27.71 8.19 14.69
C GLU B 171 27.52 6.78 15.28
N ASP B 172 28.33 5.80 14.86
CA ASP B 172 28.22 4.45 15.42
C ASP B 172 28.83 4.47 16.85
N PRO B 173 28.27 3.69 17.79
CA PRO B 173 27.14 2.78 17.60
C PRO B 173 25.76 3.45 17.72
N ALA B 174 24.79 2.98 16.94
CA ALA B 174 23.42 3.48 16.99
C ALA B 174 22.74 2.95 18.27
N GLN B 175 21.74 3.67 18.81
CA GLN B 175 21.02 3.19 19.98
C GLN B 175 20.10 2.03 19.60
N TYR B 176 19.41 2.16 18.46
CA TYR B 176 18.50 1.14 17.92
C TYR B 176 18.78 0.85 16.43
N SER B 177 18.39 -0.35 15.95
CA SER B 177 18.63 -0.75 14.57
C SER B 177 17.68 -1.82 14.10
N MET B 178 17.40 -1.84 12.78
CA MET B 178 16.63 -2.89 12.09
C MET B 178 17.50 -3.23 10.86
N ILE B 179 18.06 -4.44 10.81
CA ILE B 179 19.03 -4.78 9.78
C ILE B 179 18.45 -5.73 8.71
N GLY B 180 19.03 -5.66 7.53
CA GLY B 180 18.64 -6.53 6.43
C GLY B 180 17.29 -6.28 5.79
N LEU B 181 16.88 -5.01 5.71
CA LEU B 181 15.64 -4.59 5.05
C LEU B 181 15.82 -4.67 3.51
N LYS B 182 14.88 -5.36 2.81
CA LYS B 182 14.97 -5.48 1.36
C LYS B 182 13.64 -5.09 0.73
N PRO B 183 13.65 -4.39 -0.41
CA PRO B 183 12.37 -4.08 -1.08
C PRO B 183 11.79 -5.29 -1.82
N ARG B 184 10.45 -5.41 -1.85
CA ARG B 184 9.80 -6.43 -2.66
C ARG B 184 9.09 -5.69 -3.87
N ARG B 185 8.43 -6.41 -4.80
CA ARG B 185 7.83 -5.76 -5.96
C ARG B 185 6.81 -4.67 -5.60
N ALA B 186 6.06 -4.84 -4.51
CA ALA B 186 5.10 -3.82 -4.08
C ALA B 186 5.77 -2.49 -3.68
N ASP B 187 7.09 -2.51 -3.35
CA ASP B 187 7.87 -1.30 -3.01
C ASP B 187 8.34 -0.52 -4.25
N LEU B 188 8.21 -1.08 -5.45
CA LEU B 188 8.69 -0.43 -6.66
C LEU B 188 7.59 0.41 -7.34
N ASP B 189 8.00 1.43 -8.11
CA ASP B 189 7.05 2.23 -8.86
C ASP B 189 6.91 1.64 -10.29
N MET B 190 6.12 2.28 -11.15
CA MET B 190 5.93 1.78 -12.52
C MET B 190 7.24 1.74 -13.33
N ASN B 191 8.27 2.52 -12.93
CA ASN B 191 9.58 2.51 -13.62
C ASN B 191 10.61 1.56 -12.95
N GLN B 192 10.15 0.72 -11.99
CA GLN B 192 10.96 -0.29 -11.28
C GLN B 192 12.02 0.32 -10.34
N HIS B 193 11.78 1.52 -9.88
CA HIS B 193 12.64 2.17 -8.89
C HIS B 193 11.92 2.06 -7.56
N VAL B 194 12.66 2.02 -6.43
CA VAL B 194 12.03 1.96 -5.11
C VAL B 194 11.24 3.27 -4.87
N ASN B 195 9.97 3.15 -4.52
CA ASN B 195 9.06 4.26 -4.21
C ASN B 195 9.63 5.10 -3.05
N ASN B 196 9.61 6.46 -3.14
CA ASN B 196 10.17 7.29 -2.05
C ASN B 196 9.58 7.02 -0.66
N VAL B 197 8.30 6.59 -0.61
CA VAL B 197 7.60 6.31 0.65
C VAL B 197 8.21 5.10 1.37
N THR B 198 8.75 4.13 0.62
CA THR B 198 9.38 2.94 1.23
C THR B 198 10.51 3.36 2.22
N TYR B 199 11.31 4.38 1.85
CA TYR B 199 12.43 4.85 2.68
C TYR B 199 11.91 5.42 4.02
N ILE B 200 10.71 6.05 4.01
CA ILE B 200 10.10 6.54 5.26
C ILE B 200 9.78 5.34 6.16
N GLY B 201 9.22 4.28 5.56
CA GLY B 201 8.90 3.04 6.29
C GLY B 201 10.14 2.42 6.90
N TRP B 202 11.23 2.36 6.11
CA TRP B 202 12.50 1.81 6.58
C TRP B 202 13.11 2.62 7.70
N VAL B 203 13.06 3.97 7.63
CA VAL B 203 13.55 4.84 8.72
C VAL B 203 12.81 4.49 10.03
N LEU B 204 11.48 4.38 9.93
CA LEU B 204 10.61 4.14 11.06
C LEU B 204 10.74 2.75 11.69
N GLU B 205 11.25 1.77 10.92
CA GLU B 205 11.42 0.40 11.41
C GLU B 205 12.35 0.30 12.64
N SER B 206 13.36 1.19 12.74
CA SER B 206 14.27 1.15 13.90
C SER B 206 13.78 1.97 15.11
N ILE B 207 12.57 2.53 15.04
CA ILE B 207 11.98 3.23 16.19
C ILE B 207 11.40 2.11 17.05
N PRO B 208 11.67 2.10 18.37
CA PRO B 208 11.08 1.02 19.22
C PRO B 208 9.54 1.01 19.16
N GLN B 209 8.94 -0.18 19.21
CA GLN B 209 7.49 -0.31 19.19
C GLN B 209 6.84 0.42 20.39
N GLU B 210 7.53 0.53 21.55
CA GLU B 210 6.98 1.24 22.71
C GLU B 210 6.76 2.74 22.42
N ILE B 211 7.66 3.37 21.63
CA ILE B 211 7.53 4.78 21.28
C ILE B 211 6.31 4.91 20.37
N VAL B 212 6.19 4.04 19.37
CA VAL B 212 5.06 4.05 18.47
C VAL B 212 3.73 3.84 19.24
N ASP B 213 3.72 2.91 20.20
CA ASP B 213 2.52 2.63 21.02
C ASP B 213 2.09 3.78 21.96
N THR B 214 3.03 4.62 22.41
CA THR B 214 2.71 5.69 23.36
C THR B 214 2.84 7.11 22.82
N HIS B 215 3.33 7.26 21.60
CA HIS B 215 3.54 8.58 21.01
C HIS B 215 2.94 8.68 19.63
N GLU B 216 2.66 9.90 19.19
CA GLU B 216 2.21 10.19 17.85
C GLU B 216 3.37 10.89 17.13
N LEU B 217 3.64 10.51 15.88
CA LEU B 217 4.67 11.19 15.09
C LEU B 217 4.15 12.58 14.70
N GLN B 218 4.90 13.63 15.02
CA GLN B 218 4.52 15.01 14.76
C GLN B 218 5.21 15.58 13.51
N VAL B 219 6.52 15.38 13.38
CA VAL B 219 7.31 15.90 12.27
C VAL B 219 8.30 14.83 11.83
N ILE B 220 8.53 14.70 10.49
CA ILE B 220 9.56 13.84 9.94
C ILE B 220 10.28 14.64 8.82
N THR B 221 11.63 14.65 8.83
CA THR B 221 12.42 15.32 7.80
C THR B 221 13.36 14.29 7.28
N LEU B 222 13.33 14.06 5.97
CA LEU B 222 14.14 13.02 5.39
C LEU B 222 14.91 13.52 4.19
N ASP B 223 16.24 13.42 4.24
CA ASP B 223 17.16 13.74 3.14
C ASP B 223 17.35 12.43 2.32
N TYR B 224 17.39 12.57 0.99
CA TYR B 224 17.59 11.46 0.07
C TYR B 224 18.94 11.71 -0.65
N ARG B 225 19.84 10.76 -0.60
CA ARG B 225 21.21 10.93 -1.12
C ARG B 225 21.53 10.02 -2.29
N ARG B 226 21.03 8.81 -2.22
CA ARG B 226 21.31 7.77 -3.19
C ARG B 226 20.13 6.80 -3.14
N GLU B 227 19.92 6.06 -4.22
CA GLU B 227 18.83 5.09 -4.32
C GLU B 227 19.18 3.70 -3.86
N CYS B 228 18.19 3.00 -3.31
CA CYS B 228 18.32 1.58 -3.00
C CYS B 228 17.87 0.85 -4.29
N GLN B 229 18.73 -0.01 -4.84
CA GLN B 229 18.37 -0.78 -6.03
C GLN B 229 17.51 -1.98 -5.60
N GLN B 230 16.82 -2.57 -6.57
CA GLN B 230 15.96 -3.73 -6.36
C GLN B 230 16.68 -4.89 -5.64
N ASP B 231 18.00 -5.07 -5.88
CA ASP B 231 18.78 -6.14 -5.25
C ASP B 231 19.71 -5.66 -4.06
N ASP B 232 19.52 -4.42 -3.58
CA ASP B 232 20.27 -3.92 -2.43
C ASP B 232 19.58 -4.31 -1.09
N VAL B 233 20.32 -4.20 0.02
CA VAL B 233 19.84 -4.52 1.38
C VAL B 233 20.24 -3.32 2.23
N VAL B 234 19.33 -2.88 3.10
CA VAL B 234 19.49 -1.67 3.87
C VAL B 234 19.43 -1.94 5.37
N ASP B 235 20.21 -1.18 6.15
CA ASP B 235 20.19 -1.18 7.61
C ASP B 235 19.64 0.17 8.02
N SER B 236 18.75 0.16 8.99
CA SER B 236 18.08 1.35 9.49
C SER B 236 18.57 1.60 10.93
N LEU B 237 19.17 2.76 11.16
CA LEU B 237 19.75 3.09 12.44
C LEU B 237 19.05 4.30 13.05
N THR B 238 18.90 4.30 14.39
CA THR B 238 18.20 5.35 15.15
C THR B 238 18.87 5.58 16.52
N THR B 239 19.02 6.87 16.90
CA THR B 239 19.56 7.30 18.18
C THR B 239 18.69 8.43 18.76
N THR B 240 18.28 8.32 20.03
CA THR B 240 17.48 9.37 20.66
C THR B 240 18.37 10.60 20.85
N THR B 241 17.90 11.77 20.42
CA THR B 241 18.67 13.00 20.64
C THR B 241 18.07 13.86 21.76
N SER B 242 16.80 13.64 22.14
CA SER B 242 16.20 14.42 23.21
C SER B 242 16.69 13.89 24.58
N ASP B 260 8.26 15.68 24.63
CA ASP B 260 8.51 15.28 23.25
C ASP B 260 9.73 14.35 23.15
N SER B 261 9.73 13.44 22.18
CA SER B 261 10.87 12.54 21.92
C SER B 261 11.44 12.91 20.53
N GLN B 262 12.76 13.02 20.40
CA GLN B 262 13.39 13.35 19.12
C GLN B 262 14.43 12.31 18.79
N PHE B 263 14.50 11.94 17.52
CA PHE B 263 15.45 10.91 17.07
C PHE B 263 16.22 11.37 15.85
N LEU B 264 17.42 10.82 15.67
CA LEU B 264 18.27 11.02 14.52
C LEU B 264 18.31 9.65 13.79
N HIS B 265 18.20 9.65 12.46
CA HIS B 265 18.10 8.44 11.66
C HIS B 265 19.14 8.36 10.56
N LEU B 266 19.53 7.12 10.19
CA LEU B 266 20.44 6.87 9.10
C LEU B 266 20.07 5.53 8.42
N LEU B 267 19.91 5.54 7.07
CA LEU B 267 19.73 4.35 6.27
C LEU B 267 21.01 4.20 5.46
N ARG B 268 21.58 3.01 5.50
CA ARG B 268 22.78 2.74 4.73
C ARG B 268 22.74 1.32 4.16
N LEU B 269 23.50 1.09 3.09
CA LEU B 269 23.53 -0.24 2.48
C LEU B 269 24.26 -1.19 3.43
N SER B 270 23.70 -2.39 3.65
CA SER B 270 24.20 -3.40 4.58
C SER B 270 25.63 -3.82 4.32
N GLY B 271 25.99 -3.87 3.06
CA GLY B 271 27.31 -4.31 2.68
C GLY B 271 28.36 -3.29 3.05
N ASP B 272 28.62 -2.37 2.11
CA ASP B 272 29.64 -1.35 2.25
C ASP B 272 29.31 -0.16 3.19
N GLY B 273 28.07 -0.04 3.68
CA GLY B 273 27.73 1.05 4.60
C GLY B 273 27.53 2.42 3.95
N GLN B 274 27.35 2.43 2.62
CA GLN B 274 27.08 3.63 1.82
C GLN B 274 25.77 4.29 2.29
N GLU B 275 25.83 5.58 2.67
CA GLU B 275 24.62 6.27 3.09
C GLU B 275 23.60 6.39 1.94
N ILE B 276 22.33 6.11 2.22
CA ILE B 276 21.28 6.32 1.23
C ILE B 276 20.35 7.47 1.69
N ASN B 277 20.07 7.57 3.02
CA ASN B 277 19.23 8.62 3.61
C ASN B 277 19.69 8.99 5.00
N ARG B 278 19.37 10.20 5.43
CA ARG B 278 19.51 10.62 6.82
C ARG B 278 18.25 11.44 7.16
N GLY B 279 17.84 11.45 8.43
CA GLY B 279 16.66 12.22 8.82
C GLY B 279 16.44 12.34 10.31
N THR B 280 15.37 13.04 10.69
CA THR B 280 14.99 13.24 12.10
C THR B 280 13.47 13.07 12.26
N THR B 281 13.03 12.60 13.42
CA THR B 281 11.60 12.52 13.73
C THR B 281 11.33 13.18 15.10
N LEU B 282 10.17 13.83 15.24
CA LEU B 282 9.76 14.44 16.50
C LEU B 282 8.42 13.79 16.84
N TRP B 283 8.31 13.28 18.07
CA TRP B 283 7.13 12.56 18.51
C TRP B 283 6.57 13.23 19.77
N ARG B 284 5.24 13.19 19.92
CA ARG B 284 4.56 13.77 21.09
C ARG B 284 3.88 12.64 21.88
N LYS B 285 3.97 12.65 23.21
CA LYS B 285 3.29 11.63 24.02
C LYS B 285 1.78 11.80 23.87
N LYS B 286 1.06 10.71 23.53
CA LYS B 286 -0.40 10.73 23.32
C LYS B 286 -1.12 11.24 24.56
C10 WKS C . -4.46 -20.51 13.85
N12 WKS C . -4.32 -22.42 15.40
C13 WKS C . -4.71 -23.33 14.32
C01 WKS C . -7.24 -21.68 8.39
C02 WKS C . -6.33 -21.05 9.40
C03 WKS C . -6.08 -21.61 10.62
C04 WKS C . -5.24 -20.92 11.52
C06 WKS C . -4.98 -19.28 9.92
C07 WKS C . -4.39 -17.97 9.53
C11 WKS C . -3.61 -21.25 14.87
C14 WKS C . -5.59 -22.60 13.31
N05 WKS C . -4.70 -19.74 11.14
N08 WKS C . -5.79 -19.87 9.06
N09 WKS C . -4.91 -21.42 12.78
S SO4 D . -25.37 2.08 2.24
O1 SO4 D . -26.18 1.37 1.23
O2 SO4 D . -26.08 2.08 3.53
O3 SO4 D . -24.08 1.42 2.43
O4 SO4 D . -25.15 3.47 1.77
S SO4 E . -17.32 -12.90 5.62
O1 SO4 E . -17.59 -14.04 4.74
O2 SO4 E . -18.57 -12.27 6.07
O3 SO4 E . -16.55 -13.36 6.80
O4 SO4 E . -16.53 -11.93 4.83
S SO4 F . -0.90 -18.74 14.11
O1 SO4 F . -0.54 -20.02 14.71
O2 SO4 F . -1.57 -17.88 15.08
O3 SO4 F . 0.38 -18.12 13.67
O4 SO4 F . -1.80 -18.88 12.95
S SO4 G . 1.13 -8.52 -11.08
O1 SO4 G . 1.93 -9.75 -11.04
O2 SO4 G . -0.17 -8.80 -11.72
O3 SO4 G . 1.01 -7.94 -9.73
O4 SO4 G . 1.92 -7.59 -11.92
C10 WKS H . 23.51 11.30 -6.59
N12 WKS H . 24.39 10.18 -8.65
C13 WKS H . 23.66 9.07 -8.07
C01 WKS H . 17.77 9.84 -4.99
C02 WKS H . 18.96 10.69 -5.28
C03 WKS H . 20.00 10.27 -6.06
C04 WKS H . 21.06 11.16 -6.29
C06 WKS H . 19.95 12.74 -5.05
C07 WKS H . 19.88 14.13 -4.49
C11 WKS H . 24.56 11.28 -7.69
C14 WKS H . 22.24 9.49 -7.67
N05 WKS H . 21.02 12.40 -5.77
N08 WKS H . 18.93 11.94 -4.78
N09 WKS H . 22.19 10.82 -7.05
S SO4 I . 7.97 19.17 -9.15
O1 SO4 I . 9.12 18.38 -9.63
O2 SO4 I . 7.03 18.32 -8.42
O3 SO4 I . 8.43 20.16 -8.15
O4 SO4 I . 7.31 19.78 -10.32
S SO4 J . 2.63 6.47 12.11
O1 SO4 J . 2.70 5.89 10.77
O2 SO4 J . 1.65 5.74 12.93
O3 SO4 J . 3.90 6.18 12.82
O4 SO4 J . 2.32 7.92 12.17
S SO4 K . 22.18 5.60 -7.23
O1 SO4 K . 21.92 4.26 -6.66
O2 SO4 K . 21.82 5.64 -8.64
O3 SO4 K . 21.37 6.63 -6.55
O4 SO4 K . 23.61 5.91 -7.06
#